data_2R37
#
_entry.id   2R37
#
_cell.length_a   103.720
_cell.length_b   61.308
_cell.length_c   100.400
_cell.angle_alpha   90.00
_cell.angle_beta   90.00
_cell.angle_gamma   90.00
#
_symmetry.space_group_name_H-M   'P 21 21 2'
#
loop_
_entity.id
_entity.type
_entity.pdbx_description
1 polymer 'Glutathione peroxidase 3'
2 non-polymer 'CHLORIDE ION'
3 non-polymer 'SODIUM ION'
4 water water
#
_entity_poly.entity_id   1
_entity_poly.type   'polypeptide(L)'
_entity_poly.pdbx_seq_one_letter_code
;MQEKSKMDCHGGISGTIYEYGALTIDGEEYIPFKQYAGKYVLFVNVASYGGLTGQYIELNALQEELAPFGLVILGFPCNQ
FGKQEPGENSEILPTLKYVRPGGGFVPNFQLFEKGDVNGEKEQKFYTFLKNSCPPTSELLGTSDRLFWEPMKVHDIRWNF
EKFLVGPDGIPIMRWHHRTTVSNVKMDILSYMRRQAALGVAENLYFQ
;
_entity_poly.pdbx_strand_id   A,B
#
loop_
_chem_comp.id
_chem_comp.type
_chem_comp.name
_chem_comp.formula
CL non-polymer 'CHLORIDE ION' 'Cl -1'
NA non-polymer 'SODIUM ION' 'Na 1'
#
# COMPACT_ATOMS: atom_id res chain seq x y z
N GLY A 15 -23.23 -1.58 17.67
CA GLY A 15 -23.38 -2.44 16.46
C GLY A 15 -22.28 -2.17 15.43
N THR A 16 -21.01 -2.25 15.86
CA THR A 16 -19.88 -2.07 14.95
C THR A 16 -18.87 -3.22 15.11
N ILE A 17 -17.97 -3.31 14.15
CA ILE A 17 -16.85 -4.24 14.21
C ILE A 17 -15.83 -3.92 15.33
N TYR A 18 -15.96 -2.75 15.96
CA TYR A 18 -14.99 -2.30 16.96
C TYR A 18 -15.13 -3.03 18.31
N GLU A 19 -16.13 -3.88 18.43
CA GLU A 19 -16.29 -4.76 19.60
C GLU A 19 -15.36 -5.96 19.54
N TYR A 20 -14.66 -6.15 18.43
CA TYR A 20 -13.94 -7.38 18.15
C TYR A 20 -12.48 -7.14 17.72
N GLY A 21 -11.75 -8.23 17.61
CA GLY A 21 -10.37 -8.20 17.09
C GLY A 21 -9.93 -9.61 16.80
N ALA A 22 -8.68 -9.77 16.35
CA ALA A 22 -8.20 -11.10 15.98
C ALA A 22 -6.69 -11.14 16.09
N LEU A 23 -6.17 -12.36 16.22
CA LEU A 23 -4.74 -12.61 16.35
C LEU A 23 -4.11 -12.77 14.98
N THR A 24 -3.01 -12.10 14.74
CA THR A 24 -2.33 -12.18 13.44
C THR A 24 -1.79 -13.62 13.24
N ILE A 25 -1.55 -13.99 11.98
CA ILE A 25 -1.27 -15.40 11.65
C ILE A 25 0.03 -15.92 12.32
N ASP A 26 0.99 -15.02 12.56
CA ASP A 26 2.24 -15.40 13.25
C ASP A 26 2.09 -15.54 14.78
N GLY A 27 0.91 -15.25 15.28
CA GLY A 27 0.59 -15.43 16.70
C GLY A 27 1.18 -14.35 17.57
N GLU A 28 1.72 -13.30 16.98
CA GLU A 28 2.50 -12.33 17.78
C GLU A 28 1.71 -11.12 18.24
N GLU A 29 0.59 -10.82 17.61
CA GLU A 29 -0.11 -9.57 17.89
C GLU A 29 -1.61 -9.75 17.80
N TYR A 30 -2.33 -9.35 18.82
CA TYR A 30 -3.79 -9.24 18.71
C TYR A 30 -4.10 -7.86 18.23
N ILE A 31 -4.91 -7.78 17.18
CA ILE A 31 -5.34 -6.51 16.62
C ILE A 31 -6.83 -6.26 16.92
N PRO A 32 -7.11 -5.28 17.78
CA PRO A 32 -8.51 -4.82 17.89
C PRO A 32 -8.93 -4.10 16.61
N PHE A 33 -10.13 -4.37 16.09
CA PHE A 33 -10.55 -3.77 14.84
C PHE A 33 -10.78 -2.27 14.92
N LYS A 34 -10.89 -1.73 16.15
CA LYS A 34 -10.83 -0.28 16.40
C LYS A 34 -9.59 0.39 15.79
N GLN A 35 -8.50 -0.35 15.64
CA GLN A 35 -7.33 0.15 14.87
C GLN A 35 -7.63 0.54 13.44
N TYR A 36 -8.75 0.06 12.92
CA TYR A 36 -9.17 0.37 11.54
C TYR A 36 -10.26 1.45 11.49
N ALA A 37 -10.45 2.16 12.60
CA ALA A 37 -11.38 3.27 12.63
C ALA A 37 -10.99 4.27 11.52
N GLY A 38 -11.97 4.73 10.76
CA GLY A 38 -11.71 5.71 9.69
C GLY A 38 -11.34 5.07 8.37
N LYS A 39 -11.21 3.76 8.36
CA LYS A 39 -10.88 3.00 7.16
C LYS A 39 -12.05 2.14 6.66
N TYR A 40 -12.09 1.93 5.35
CA TYR A 40 -12.92 0.88 4.77
C TYR A 40 -12.20 -0.47 4.97
N VAL A 41 -12.92 -1.47 5.48
CA VAL A 41 -12.32 -2.76 5.77
C VAL A 41 -13.03 -3.86 4.96
N LEU A 42 -12.24 -4.65 4.24
CA LEU A 42 -12.78 -5.74 3.42
C LEU A 42 -12.37 -7.02 4.13
N PHE A 43 -13.35 -7.74 4.71
CA PHE A 43 -13.12 -9.05 5.33
C PHE A 43 -13.27 -10.17 4.30
N VAL A 44 -12.26 -11.02 4.17
CA VAL A 44 -12.27 -12.11 3.21
C VAL A 44 -11.83 -13.39 3.94
N ASN A 45 -12.64 -14.42 3.88
CA ASN A 45 -12.21 -15.71 4.37
C ASN A 45 -11.48 -16.41 3.23
N VAL A 46 -10.34 -17.00 3.54
CA VAL A 46 -9.41 -17.46 2.53
C VAL A 46 -9.07 -18.93 2.74
N ALA A 47 -8.50 -19.54 1.69
CA ALA A 47 -8.01 -20.93 1.72
C ALA A 47 -6.88 -21.03 0.71
N SER A 48 -5.98 -21.99 0.92
CA SER A 48 -4.83 -22.15 0.05
C SER A 48 -5.04 -23.16 -1.08
N TYR A 49 -6.05 -24.04 -0.97
CA TYR A 49 -6.30 -25.09 -1.95
C TYR A 49 -7.70 -24.97 -2.53
N GLY A 50 -8.16 -23.75 -2.69
CA GLY A 50 -9.48 -23.52 -3.25
C GLY A 50 -9.40 -23.32 -4.75
N GLY A 51 -10.52 -23.54 -5.43
CA GLY A 51 -10.53 -23.18 -6.83
C GLY A 51 -10.40 -21.67 -7.04
N LEU A 52 -10.69 -20.87 -6.03
CA LEU A 52 -10.63 -19.39 -6.13
C LEU A 52 -9.39 -18.79 -5.50
N THR A 53 -8.42 -19.65 -5.19
CA THR A 53 -7.22 -19.22 -4.49
C THR A 53 -6.41 -18.22 -5.33
N GLY A 54 -6.56 -18.26 -6.65
CA GLY A 54 -5.95 -17.24 -7.55
C GLY A 54 -6.45 -15.81 -7.33
N GLN A 55 -7.57 -15.65 -6.64
CA GLN A 55 -8.06 -14.33 -6.25
C GLN A 55 -7.07 -13.59 -5.37
N TYR A 56 -6.18 -14.32 -4.70
CA TYR A 56 -5.10 -13.69 -3.91
C TYR A 56 -4.32 -12.67 -4.73
N ILE A 57 -4.00 -13.01 -5.97
CA ILE A 57 -3.27 -12.12 -6.85
C ILE A 57 -4.05 -10.81 -7.09
N GLU A 58 -5.34 -10.95 -7.36
CA GLU A 58 -6.24 -9.78 -7.56
C GLU A 58 -6.48 -8.98 -6.29
N LEU A 59 -6.51 -9.65 -5.15
CA LEU A 59 -6.69 -8.96 -3.89
C LEU A 59 -5.49 -8.09 -3.55
N ASN A 60 -4.29 -8.59 -3.82
CA ASN A 60 -3.09 -7.75 -3.72
C ASN A 60 -3.20 -6.49 -4.56
N ALA A 61 -3.59 -6.63 -5.83
CA ALA A 61 -3.74 -5.49 -6.70
C ALA A 61 -4.80 -4.48 -6.17
N LEU A 62 -5.91 -4.99 -5.69
CA LEU A 62 -6.98 -4.18 -5.10
C LEU A 62 -6.47 -3.42 -3.89
N GLN A 63 -5.75 -4.11 -3.01
CA GLN A 63 -5.15 -3.49 -1.84
C GLN A 63 -4.19 -2.38 -2.22
N GLU A 64 -3.30 -2.60 -3.18
CA GLU A 64 -2.34 -1.58 -3.56
C GLU A 64 -3.06 -0.36 -4.17
N GLU A 65 -4.07 -0.61 -5.00
CA GLU A 65 -4.79 0.46 -5.70
C GLU A 65 -5.65 1.33 -4.79
N LEU A 66 -6.32 0.71 -3.82
CA LEU A 66 -7.26 1.44 -2.96
C LEU A 66 -6.77 1.77 -1.58
N ALA A 67 -5.57 1.31 -1.20
CA ALA A 67 -4.97 1.72 0.08
C ALA A 67 -4.97 3.26 0.30
N PRO A 68 -4.64 4.06 -0.73
CA PRO A 68 -4.61 5.54 -0.57
C PRO A 68 -5.98 6.16 -0.18
N PHE A 69 -7.05 5.45 -0.48
CA PHE A 69 -8.42 5.93 -0.28
C PHE A 69 -9.02 5.28 0.93
N GLY A 70 -8.16 4.63 1.73
CA GLY A 70 -8.61 4.06 2.99
C GLY A 70 -9.04 2.61 3.05
N LEU A 71 -8.78 1.82 2.02
CA LEU A 71 -9.12 0.40 2.07
C LEU A 71 -8.07 -0.41 2.75
N VAL A 72 -8.53 -1.25 3.69
CA VAL A 72 -7.72 -2.29 4.31
C VAL A 72 -8.38 -3.65 4.08
N ILE A 73 -7.60 -4.62 3.57
CA ILE A 73 -8.06 -5.99 3.41
C ILE A 73 -7.53 -6.84 4.57
N LEU A 74 -8.43 -7.63 5.17
CA LEU A 74 -8.11 -8.57 6.22
C LEU A 74 -8.51 -9.99 5.76
N GLY A 75 -7.57 -10.93 5.88
CA GLY A 75 -7.78 -12.33 5.49
C GLY A 75 -7.86 -13.31 6.63
N PHE A 76 -8.90 -14.14 6.59
CA PHE A 76 -9.20 -15.08 7.64
C PHE A 76 -9.18 -16.50 7.08
N PRO A 77 -8.07 -17.21 7.30
CA PRO A 77 -8.03 -18.57 6.79
C PRO A 77 -9.06 -19.48 7.46
N CYS A 78 -9.66 -20.37 6.69
CA CYS A 78 -10.71 -21.22 7.26
C CYS A 78 -10.69 -22.55 6.53
N ASN A 79 -10.76 -23.65 7.30
CA ASN A 79 -10.69 -25.00 6.76
C ASN A 79 -12.09 -25.69 6.64
N GLN A 80 -13.19 -24.90 6.64
CA GLN A 80 -14.54 -25.45 6.73
C GLN A 80 -15.20 -25.72 5.37
N PHE A 81 -14.51 -25.40 4.29
CA PHE A 81 -15.11 -25.48 2.97
C PHE A 81 -14.29 -26.42 2.11
N GLY A 82 -14.70 -27.68 2.06
CA GLY A 82 -13.92 -28.71 1.38
C GLY A 82 -12.59 -29.04 2.02
N LYS A 83 -12.37 -28.57 3.25
CA LYS A 83 -11.13 -28.71 3.98
C LYS A 83 -9.95 -28.21 3.15
N GLN A 84 -10.05 -26.98 2.68
CA GLN A 84 -9.11 -26.45 1.68
C GLN A 84 -8.08 -25.52 2.29
N GLU A 85 -8.00 -25.54 3.63
CA GLU A 85 -6.91 -24.87 4.36
C GLU A 85 -6.37 -25.81 5.49
N PRO A 86 -5.70 -26.90 5.09
CA PRO A 86 -5.25 -27.93 6.01
C PRO A 86 -4.05 -27.53 6.85
N GLY A 87 -3.34 -26.51 6.41
CA GLY A 87 -2.06 -26.24 7.03
C GLY A 87 -2.18 -25.59 8.38
N GLU A 88 -1.14 -25.79 9.20
CA GLU A 88 -0.96 -25.02 10.42
C GLU A 88 -0.74 -23.54 10.06
N ASN A 89 -0.94 -22.66 11.02
CA ASN A 89 -0.76 -21.24 10.74
C ASN A 89 0.61 -20.90 10.15
N SER A 90 1.66 -21.54 10.65
CA SER A 90 3.03 -21.28 10.15
C SER A 90 3.28 -21.78 8.70
N GLU A 91 2.39 -22.63 8.21
CA GLU A 91 2.49 -23.23 6.88
C GLU A 91 1.73 -22.48 5.79
N ILE A 92 0.88 -21.54 6.18
CA ILE A 92 0.00 -20.88 5.19
C ILE A 92 0.77 -19.94 4.26
N LEU A 93 1.62 -19.07 4.82
CA LEU A 93 2.38 -18.13 3.97
C LEU A 93 3.34 -18.87 3.01
N PRO A 94 4.09 -19.88 3.52
CA PRO A 94 4.89 -20.72 2.62
C PRO A 94 4.10 -21.40 1.50
N THR A 95 2.91 -21.89 1.80
CA THR A 95 2.07 -22.48 0.76
C THR A 95 1.69 -21.49 -0.32
N LEU A 96 1.33 -20.28 0.08
CA LEU A 96 0.96 -19.23 -0.86
C LEU A 96 2.17 -18.88 -1.73
N LYS A 97 3.34 -18.81 -1.13
CA LYS A 97 4.56 -18.39 -1.80
C LYS A 97 5.17 -19.40 -2.75
N TYR A 98 5.10 -20.68 -2.40
CA TYR A 98 5.80 -21.75 -3.12
C TYR A 98 4.91 -22.80 -3.77
N VAL A 99 3.61 -22.80 -3.48
CA VAL A 99 2.74 -23.89 -3.98
C VAL A 99 1.59 -23.36 -4.84
N ARG A 100 0.69 -22.64 -4.18
CA ARG A 100 -0.50 -22.06 -4.80
C ARG A 100 -0.88 -20.77 -4.05
N PRO A 101 -0.88 -19.61 -4.74
CA PRO A 101 -0.56 -19.31 -6.15
C PRO A 101 0.87 -19.68 -6.54
N GLY A 102 1.78 -19.67 -5.57
CA GLY A 102 3.16 -19.99 -5.82
C GLY A 102 3.86 -18.85 -6.49
N GLY A 103 4.98 -19.15 -7.13
CA GLY A 103 5.72 -18.16 -7.92
C GLY A 103 6.30 -17.05 -7.10
N GLY A 104 6.41 -17.23 -5.79
CA GLY A 104 6.92 -16.18 -4.92
C GLY A 104 5.87 -15.25 -4.34
N PHE A 105 4.59 -15.57 -4.52
CA PHE A 105 3.51 -14.72 -4.04
C PHE A 105 3.56 -14.46 -2.53
N VAL A 106 3.44 -13.19 -2.12
CA VAL A 106 3.28 -12.84 -0.73
C VAL A 106 2.10 -11.86 -0.62
N PRO A 107 1.12 -12.15 0.25
CA PRO A 107 0.02 -11.19 0.39
C PRO A 107 0.52 -9.83 0.89
N ASN A 108 -0.07 -8.75 0.37
CA ASN A 108 0.28 -7.42 0.88
C ASN A 108 -0.73 -6.87 1.89
N PHE A 109 -1.52 -7.77 2.44
CA PHE A 109 -2.51 -7.45 3.46
C PHE A 109 -2.41 -8.46 4.59
N GLN A 110 -3.01 -8.13 5.71
CA GLN A 110 -2.84 -8.91 6.93
C GLN A 110 -3.65 -10.20 6.92
N LEU A 111 -2.98 -11.31 7.21
CA LEU A 111 -3.65 -12.56 7.50
C LEU A 111 -3.68 -12.81 9.01
N PHE A 112 -4.76 -13.42 9.45
CA PHE A 112 -5.00 -13.78 10.85
C PHE A 112 -4.92 -15.28 11.05
N GLU A 113 -4.96 -15.75 12.30
CA GLU A 113 -4.93 -17.18 12.56
C GLU A 113 -6.14 -17.86 11.97
N LYS A 114 -5.94 -19.11 11.57
CA LYS A 114 -7.04 -19.94 11.07
C LYS A 114 -8.09 -20.15 12.14
N GLY A 115 -9.35 -20.19 11.74
CA GLY A 115 -10.43 -20.38 12.69
C GLY A 115 -11.72 -20.61 11.95
N ASP A 116 -12.81 -20.78 12.69
CA ASP A 116 -14.09 -21.06 12.09
C ASP A 116 -14.83 -19.76 11.75
N VAL A 117 -15.55 -19.79 10.64
CA VAL A 117 -16.46 -18.73 10.21
C VAL A 117 -17.94 -19.12 10.34
N ASN A 118 -18.22 -20.43 10.40
CA ASN A 118 -19.58 -20.93 10.61
C ASN A 118 -19.61 -21.92 11.75
N GLY A 119 -20.82 -22.21 12.22
CA GLY A 119 -21.02 -23.22 13.22
C GLY A 119 -20.85 -22.73 14.64
N GLU A 120 -20.94 -23.67 15.57
CA GLU A 120 -20.93 -23.40 16.99
C GLU A 120 -19.68 -22.68 17.48
N LYS A 121 -18.54 -22.89 16.84
CA LYS A 121 -17.29 -22.25 17.29
C LYS A 121 -16.83 -21.09 16.37
N GLU A 122 -17.74 -20.53 15.58
CA GLU A 122 -17.39 -19.44 14.70
C GLU A 122 -16.87 -18.24 15.49
N GLN A 123 -15.99 -17.49 14.83
CA GLN A 123 -15.39 -16.26 15.40
C GLN A 123 -16.49 -15.25 15.54
N LYS A 124 -16.54 -14.56 16.68
CA LYS A 124 -17.71 -13.72 17.00
C LYS A 124 -17.90 -12.55 16.06
N PHE A 125 -16.82 -12.04 15.49
CA PHE A 125 -16.97 -10.94 14.56
C PHE A 125 -17.65 -11.44 13.30
N TYR A 126 -17.50 -12.71 12.98
CA TYR A 126 -18.24 -13.26 11.83
C TYR A 126 -19.70 -13.50 12.13
N THR A 127 -20.04 -13.83 13.36
CA THR A 127 -21.44 -13.83 13.74
C THR A 127 -22.08 -12.45 13.43
N PHE A 128 -21.37 -11.41 13.80
CA PHE A 128 -21.83 -10.03 13.55
C PHE A 128 -21.95 -9.74 12.05
N LEU A 129 -20.87 -9.98 11.31
CA LEU A 129 -20.87 -9.73 9.87
C LEU A 129 -21.94 -10.50 9.09
N LYS A 130 -22.01 -11.81 9.32
CA LYS A 130 -22.96 -12.67 8.58
C LYS A 130 -24.43 -12.27 8.75
N ASN A 131 -24.76 -11.84 9.95
CA ASN A 131 -26.09 -11.48 10.27
C ASN A 131 -26.45 -10.02 9.96
N SER A 132 -25.50 -9.25 9.46
CA SER A 132 -25.70 -7.83 9.09
C SER A 132 -26.21 -7.62 7.66
N CYS A 133 -26.08 -8.62 6.79
CA CYS A 133 -26.42 -8.52 5.35
C CYS A 133 -27.08 -9.82 4.96
N PRO A 134 -27.99 -9.81 3.96
CA PRO A 134 -28.55 -11.10 3.51
C PRO A 134 -27.47 -12.07 3.02
N PRO A 135 -27.79 -13.36 3.01
CA PRO A 135 -26.76 -14.26 2.51
C PRO A 135 -26.59 -14.09 1.00
N THR A 136 -25.54 -14.71 0.45
CA THR A 136 -25.16 -14.42 -0.93
C THR A 136 -25.86 -15.32 -1.95
N SER A 137 -26.53 -16.39 -1.50
CA SER A 137 -27.30 -17.21 -2.44
C SER A 137 -28.35 -18.03 -1.73
N GLU A 138 -29.34 -18.48 -2.48
CA GLU A 138 -30.39 -19.34 -1.95
C GLU A 138 -29.77 -20.71 -1.63
N LEU A 139 -28.78 -21.10 -2.40
CA LEU A 139 -28.18 -22.42 -2.23
C LEU A 139 -27.11 -22.43 -1.14
N LEU A 140 -27.28 -23.27 -0.13
CA LEU A 140 -26.17 -23.56 0.85
C LEU A 140 -25.20 -24.54 0.26
N GLY A 141 -25.74 -25.58 -0.37
CA GLY A 141 -24.96 -26.55 -1.13
C GLY A 141 -25.13 -27.96 -0.60
N THR A 142 -24.28 -28.89 -1.03
CA THR A 142 -24.38 -30.26 -0.53
C THR A 142 -23.59 -30.31 0.79
N SER A 143 -24.19 -30.89 1.81
CA SER A 143 -23.67 -30.79 3.18
C SER A 143 -22.34 -31.52 3.39
N ASP A 144 -22.05 -32.51 2.54
CA ASP A 144 -20.77 -33.26 2.66
C ASP A 144 -19.54 -32.37 2.50
N ARG A 145 -19.70 -31.23 1.83
CA ARG A 145 -18.59 -30.29 1.59
C ARG A 145 -18.45 -29.22 2.65
N LEU A 146 -19.41 -29.18 3.56
CA LEU A 146 -19.54 -28.07 4.49
C LEU A 146 -19.23 -28.60 5.90
N PHE A 147 -18.05 -28.28 6.38
CA PHE A 147 -17.56 -28.92 7.60
C PHE A 147 -17.83 -28.08 8.84
N TRP A 148 -19.10 -27.96 9.17
CA TRP A 148 -19.53 -27.27 10.37
C TRP A 148 -20.93 -27.71 10.71
N GLU A 149 -21.35 -27.40 11.94
CA GLU A 149 -22.72 -27.59 12.41
C GLU A 149 -23.00 -26.50 13.46
N PRO A 150 -24.25 -26.03 13.56
CA PRO A 150 -25.36 -26.35 12.69
C PRO A 150 -25.35 -25.43 11.46
N MET A 151 -26.26 -25.69 10.57
CA MET A 151 -26.42 -24.93 9.36
C MET A 151 -27.46 -23.84 9.60
N LYS A 152 -27.18 -22.67 9.06
CA LYS A 152 -28.05 -21.48 9.23
C LYS A 152 -28.14 -20.67 7.96
N VAL A 153 -29.25 -19.95 7.80
CA VAL A 153 -29.53 -19.22 6.54
C VAL A 153 -28.40 -18.25 6.17
N HIS A 154 -27.88 -17.53 7.16
CA HIS A 154 -26.87 -16.50 6.88
C HIS A 154 -25.43 -17.02 6.88
N ASP A 155 -25.19 -18.34 6.86
CA ASP A 155 -23.82 -18.88 6.85
C ASP A 155 -23.04 -18.41 5.60
N ILE A 156 -21.74 -18.23 5.77
CA ILE A 156 -20.82 -18.06 4.64
C ILE A 156 -20.91 -19.32 3.79
N ARG A 157 -20.99 -19.15 2.47
CA ARG A 157 -21.26 -20.27 1.57
C ARG A 157 -19.99 -21.05 1.17
N TRP A 158 -18.87 -20.35 1.04
CA TRP A 158 -17.64 -20.97 0.53
C TRP A 158 -16.42 -20.14 0.91
N ASN A 159 -15.22 -20.62 0.53
CA ASN A 159 -14.03 -19.78 0.61
C ASN A 159 -14.23 -18.50 -0.21
N PHE A 160 -13.62 -17.41 0.25
CA PHE A 160 -13.54 -16.15 -0.49
C PHE A 160 -14.84 -15.32 -0.56
N GLU A 161 -15.78 -15.59 0.35
CA GLU A 161 -16.86 -14.65 0.58
C GLU A 161 -16.25 -13.36 1.13
N LYS A 162 -16.91 -12.23 0.86
CA LYS A 162 -16.35 -10.92 1.18
C LYS A 162 -17.39 -9.99 1.81
N PHE A 163 -16.97 -9.22 2.81
CA PHE A 163 -17.81 -8.20 3.49
C PHE A 163 -17.03 -6.88 3.49
N LEU A 164 -17.70 -5.81 3.11
CA LEU A 164 -17.16 -4.43 3.26
C LEU A 164 -17.76 -3.77 4.48
N VAL A 165 -16.90 -3.21 5.34
CA VAL A 165 -17.29 -2.45 6.52
C VAL A 165 -16.81 -1.01 6.32
N GLY A 166 -17.64 -0.05 6.68
CA GLY A 166 -17.30 1.36 6.45
C GLY A 166 -16.41 1.95 7.52
N PRO A 167 -15.97 3.20 7.32
CA PRO A 167 -15.08 3.89 8.26
C PRO A 167 -15.68 4.19 9.63
N ASP A 168 -16.99 4.01 9.76
CA ASP A 168 -17.69 4.10 11.04
C ASP A 168 -17.82 2.72 11.73
N GLY A 169 -17.23 1.68 11.12
CA GLY A 169 -17.28 0.32 11.66
C GLY A 169 -18.56 -0.46 11.40
N ILE A 170 -19.44 0.11 10.57
CA ILE A 170 -20.75 -0.52 10.27
C ILE A 170 -20.70 -1.24 8.90
N PRO A 171 -21.17 -2.50 8.85
CA PRO A 171 -21.20 -3.23 7.57
C PRO A 171 -21.97 -2.53 6.49
N ILE A 172 -21.45 -2.59 5.26
CA ILE A 172 -22.04 -1.97 4.09
C ILE A 172 -22.65 -3.00 3.12
N MET A 173 -21.87 -4.00 2.71
CA MET A 173 -22.33 -4.96 1.70
C MET A 173 -21.50 -6.21 1.73
N ARG A 174 -22.03 -7.22 1.05
CA ARG A 174 -21.46 -8.59 1.09
C ARG A 174 -21.50 -9.13 -0.33
N TRP A 175 -20.43 -9.80 -0.75
CA TRP A 175 -20.38 -10.39 -2.10
C TRP A 175 -20.27 -11.91 -2.06
N HIS A 176 -20.95 -12.51 -3.03
CA HIS A 176 -20.76 -13.91 -3.37
C HIS A 176 -19.31 -14.17 -3.69
N HIS A 177 -18.84 -15.34 -3.28
CA HIS A 177 -17.47 -15.71 -3.50
C HIS A 177 -17.00 -15.72 -4.93
N ARG A 178 -17.89 -16.02 -5.88
CA ARG A 178 -17.49 -16.12 -7.28
C ARG A 178 -17.56 -14.79 -8.03
N THR A 179 -18.10 -13.76 -7.41
CA THR A 179 -18.09 -12.42 -8.00
C THR A 179 -16.64 -12.00 -8.21
N THR A 180 -16.29 -11.51 -9.41
CA THR A 180 -14.88 -11.25 -9.68
C THR A 180 -14.36 -10.10 -8.80
N VAL A 181 -13.08 -10.15 -8.46
CA VAL A 181 -12.44 -9.07 -7.73
C VAL A 181 -12.51 -7.73 -8.46
N SER A 182 -12.46 -7.71 -9.81
CA SER A 182 -12.71 -6.47 -10.56
C SER A 182 -14.07 -5.86 -10.30
N ASN A 183 -15.10 -6.71 -10.19
CA ASN A 183 -16.44 -6.23 -9.88
C ASN A 183 -16.56 -5.75 -8.45
N VAL A 184 -15.89 -6.44 -7.55
CA VAL A 184 -15.82 -6.02 -6.15
C VAL A 184 -15.17 -4.61 -6.08
N LYS A 185 -14.06 -4.44 -6.81
CA LYS A 185 -13.37 -3.14 -6.84
C LYS A 185 -14.29 -2.02 -7.34
N MET A 186 -15.01 -2.33 -8.42
CA MET A 186 -15.87 -1.37 -9.05
C MET A 186 -16.98 -0.97 -8.10
N ASP A 187 -17.51 -1.92 -7.35
CA ASP A 187 -18.54 -1.63 -6.33
C ASP A 187 -18.00 -0.78 -5.16
N ILE A 188 -16.81 -1.09 -4.66
CA ILE A 188 -16.20 -0.29 -3.58
C ILE A 188 -16.05 1.15 -4.05
N LEU A 189 -15.49 1.31 -5.25
CA LEU A 189 -15.17 2.63 -5.76
C LEU A 189 -16.41 3.46 -5.96
N SER A 190 -17.43 2.80 -6.48
CA SER A 190 -18.71 3.42 -6.70
C SER A 190 -19.27 3.90 -5.37
N TYR A 191 -19.20 3.06 -4.35
CA TYR A 191 -19.72 3.43 -3.04
C TYR A 191 -18.95 4.63 -2.46
N MET A 192 -17.63 4.60 -2.53
CA MET A 192 -16.78 5.71 -2.06
C MET A 192 -17.07 7.02 -2.83
N ARG A 193 -17.27 6.91 -4.13
CA ARG A 193 -17.62 8.08 -4.93
C ARG A 193 -18.97 8.64 -4.55
N ARG A 194 -19.96 7.76 -4.37
CA ARG A 194 -21.28 8.18 -3.94
C ARG A 194 -21.22 8.90 -2.60
N GLN A 195 -20.40 8.40 -1.68
CA GLN A 195 -20.25 9.03 -0.36
C GLN A 195 -19.64 10.41 -0.47
N ALA A 196 -18.58 10.54 -1.26
CA ALA A 196 -17.96 11.84 -1.50
C ALA A 196 -18.97 12.82 -2.11
N ALA A 197 -19.65 12.38 -3.16
CA ALA A 197 -20.63 13.21 -3.86
C ALA A 197 -21.79 13.60 -2.93
N LEU A 198 -22.22 12.66 -2.11
CA LEU A 198 -23.35 12.87 -1.19
C LEU A 198 -22.97 13.81 -0.05
N GLY A 199 -21.68 13.89 0.25
CA GLY A 199 -21.16 14.83 1.24
C GLY A 199 -21.14 16.24 0.71
N VAL A 200 -20.53 16.42 -0.47
CA VAL A 200 -20.52 17.71 -1.19
C VAL A 200 -21.93 18.25 -1.38
N ALA A 201 -22.84 17.39 -1.85
CA ALA A 201 -24.25 17.75 -2.09
C ALA A 201 -25.02 18.14 -0.81
N GLU A 202 -24.73 17.47 0.31
CA GLU A 202 -25.35 17.83 1.61
C GLU A 202 -24.93 19.23 2.11
N ASN A 203 -23.68 19.61 1.86
CA ASN A 203 -23.16 20.95 2.22
C ASN A 203 -23.78 22.09 1.40
N LEU A 204 -23.84 21.91 0.07
CA LEU A 204 -24.51 22.85 -0.83
C LEU A 204 -25.97 23.06 -0.42
N TYR A 205 -26.61 21.97 0.00
CA TYR A 205 -27.98 21.99 0.49
C TYR A 205 -28.04 22.61 1.89
N ILE B 13 -8.47 15.58 -5.67
CA ILE B 13 -7.25 14.71 -5.55
C ILE B 13 -6.84 14.04 -6.87
N SER B 14 -7.74 14.03 -7.86
CA SER B 14 -7.40 13.48 -9.18
C SER B 14 -6.35 14.38 -9.84
N GLY B 15 -5.33 13.78 -10.45
CA GLY B 15 -4.17 14.52 -10.97
C GLY B 15 -3.21 15.03 -9.89
N THR B 16 -3.27 14.46 -8.70
CA THR B 16 -2.38 14.85 -7.60
C THR B 16 -1.69 13.63 -7.04
N ILE B 17 -0.69 13.86 -6.18
CA ILE B 17 -0.04 12.74 -5.46
C ILE B 17 -0.97 12.10 -4.42
N TYR B 18 -2.11 12.72 -4.16
CA TYR B 18 -3.03 12.22 -3.12
C TYR B 18 -3.80 10.96 -3.52
N GLU B 19 -3.62 10.52 -4.77
CA GLU B 19 -4.18 9.25 -5.21
C GLU B 19 -3.28 8.08 -4.86
N TYR B 20 -2.14 8.36 -4.22
CA TYR B 20 -1.11 7.36 -3.93
C TYR B 20 -0.66 7.32 -2.47
N GLY B 21 0.14 6.31 -2.16
CA GLY B 21 0.79 6.21 -0.87
C GLY B 21 1.85 5.12 -0.87
N ALA B 22 2.48 4.89 0.28
CA ALA B 22 3.57 3.93 0.37
C ALA B 22 3.77 3.45 1.78
N LEU B 23 4.40 2.28 1.89
CA LEU B 23 4.71 1.66 3.18
C LEU B 23 6.07 2.09 3.66
N THR B 24 6.15 2.48 4.93
CA THR B 24 7.41 2.91 5.53
C THR B 24 8.42 1.76 5.55
N ILE B 25 9.72 2.08 5.67
CA ILE B 25 10.77 1.10 5.42
C ILE B 25 10.72 -0.02 6.43
N ASP B 26 10.20 0.27 7.61
CA ASP B 26 10.09 -0.78 8.64
C ASP B 26 8.84 -1.65 8.48
N GLY B 27 8.04 -1.38 7.46
CA GLY B 27 6.84 -2.17 7.20
C GLY B 27 5.70 -1.84 8.17
N GLU B 28 5.89 -0.82 9.01
CA GLU B 28 4.98 -0.64 10.16
C GLU B 28 3.78 0.26 9.91
N GLU B 29 3.90 1.18 8.96
CA GLU B 29 2.89 2.19 8.72
C GLU B 29 2.71 2.43 7.22
N TYR B 30 1.48 2.34 6.73
CA TYR B 30 1.16 2.79 5.37
C TYR B 30 0.82 4.27 5.46
N ILE B 31 1.51 5.08 4.67
CA ILE B 31 1.26 6.53 4.60
C ILE B 31 0.64 6.92 3.26
N PRO B 32 -0.67 7.28 3.28
CA PRO B 32 -1.30 7.88 2.12
C PRO B 32 -0.76 9.29 2.01
N PHE B 33 -0.38 9.68 0.80
CA PHE B 33 0.30 10.95 0.62
C PHE B 33 -0.63 12.14 0.80
N LYS B 34 -1.93 11.89 0.90
CA LYS B 34 -2.87 12.93 1.38
C LYS B 34 -2.50 13.45 2.78
N GLN B 35 -1.70 12.69 3.52
CA GLN B 35 -1.18 13.14 4.82
C GLN B 35 -0.27 14.34 4.68
N TYR B 36 0.25 14.56 3.48
CA TYR B 36 1.13 15.70 3.20
C TYR B 36 0.42 16.87 2.53
N ALA B 37 -0.90 16.89 2.60
CA ALA B 37 -1.67 18.00 2.03
C ALA B 37 -1.21 19.27 2.74
N GLY B 38 -0.98 20.33 1.99
CA GLY B 38 -0.51 21.59 2.61
C GLY B 38 1.00 21.70 2.81
N LYS B 39 1.74 20.64 2.48
CA LYS B 39 3.20 20.64 2.54
C LYS B 39 3.85 20.61 1.17
N TYR B 40 5.05 21.13 1.07
CA TYR B 40 5.89 20.85 -0.11
C TYR B 40 6.56 19.50 0.13
N VAL B 41 6.56 18.64 -0.88
CA VAL B 41 7.11 17.28 -0.73
C VAL B 41 8.21 17.08 -1.76
N LEU B 42 9.38 16.66 -1.28
CA LEU B 42 10.51 16.34 -2.17
C LEU B 42 10.68 14.82 -2.21
N PHE B 43 10.40 14.22 -3.37
CA PHE B 43 10.57 12.79 -3.61
C PHE B 43 11.97 12.51 -4.11
N VAL B 44 12.70 11.68 -3.39
CA VAL B 44 14.05 11.31 -3.79
C VAL B 44 14.21 9.82 -3.83
N ASN B 45 14.62 9.28 -4.99
CA ASN B 45 14.98 7.86 -5.04
C ASN B 45 16.43 7.72 -4.61
N VAL B 46 16.65 6.79 -3.69
CA VAL B 46 17.90 6.70 -2.97
C VAL B 46 18.58 5.33 -3.14
N ALA B 47 19.86 5.28 -2.80
CA ALA B 47 20.67 4.05 -2.82
C ALA B 47 21.81 4.23 -1.79
N SER B 48 22.28 3.12 -1.23
CA SER B 48 23.34 3.16 -0.21
C SER B 48 24.74 2.99 -0.74
N TYR B 49 24.89 2.53 -1.99
CA TYR B 49 26.24 2.32 -2.57
C TYR B 49 26.40 3.07 -3.84
N GLY B 50 25.79 4.24 -3.90
CA GLY B 50 25.95 5.12 -5.05
C GLY B 50 27.11 6.10 -4.91
N GLY B 51 27.60 6.61 -6.03
CA GLY B 51 28.56 7.70 -5.98
C GLY B 51 27.98 8.96 -5.34
N LEU B 52 26.65 9.10 -5.31
CA LEU B 52 25.98 10.28 -4.74
C LEU B 52 25.36 10.05 -3.36
N THR B 53 25.65 8.90 -2.76
CA THR B 53 25.11 8.54 -1.43
C THR B 53 25.48 9.57 -0.34
N GLY B 54 26.59 10.29 -0.54
CA GLY B 54 26.93 11.44 0.33
C GLY B 54 25.89 12.55 0.40
N GLN B 55 25.03 12.64 -0.61
CA GLN B 55 23.94 13.60 -0.63
C GLN B 55 22.99 13.42 0.56
N TYR B 56 22.93 12.22 1.13
CA TYR B 56 22.11 12.03 2.33
C TYR B 56 22.43 13.06 3.41
N ILE B 57 23.71 13.36 3.60
CA ILE B 57 24.13 14.33 4.64
C ILE B 57 23.53 15.72 4.33
N GLU B 58 23.59 16.10 3.05
CA GLU B 58 23.05 17.39 2.59
C GLU B 58 21.53 17.41 2.63
N LEU B 59 20.89 16.26 2.37
CA LEU B 59 19.44 16.15 2.45
C LEU B 59 18.94 16.31 3.88
N ASN B 60 19.65 15.73 4.83
CA ASN B 60 19.31 15.98 6.24
C ASN B 60 19.36 17.49 6.57
N ALA B 61 20.38 18.16 6.07
CA ALA B 61 20.53 19.60 6.27
C ALA B 61 19.40 20.37 5.61
N LEU B 62 19.01 19.99 4.39
CA LEU B 62 17.89 20.61 3.68
C LEU B 62 16.58 20.44 4.43
N GLN B 63 16.35 19.24 4.95
CA GLN B 63 15.15 18.95 5.70
C GLN B 63 15.06 19.83 6.93
N GLU B 64 16.18 19.96 7.65
CA GLU B 64 16.24 20.80 8.87
C GLU B 64 16.02 22.28 8.56
N GLU B 65 16.68 22.79 7.53
CA GLU B 65 16.55 24.19 7.12
C GLU B 65 15.17 24.56 6.59
N LEU B 66 14.57 23.71 5.76
CA LEU B 66 13.33 24.05 5.08
C LEU B 66 12.08 23.48 5.76
N ALA B 67 12.26 22.74 6.84
CA ALA B 67 11.12 22.22 7.60
C ALA B 67 10.15 23.36 8.02
N PRO B 68 10.68 24.50 8.53
CA PRO B 68 9.79 25.63 8.87
C PRO B 68 9.04 26.27 7.69
N PHE B 69 9.47 26.01 6.46
CA PHE B 69 8.83 26.54 5.26
C PHE B 69 7.87 25.51 4.67
N GLY B 70 7.72 24.37 5.35
CA GLY B 70 6.74 23.35 4.96
C GLY B 70 7.24 22.24 4.07
N LEU B 71 8.56 22.04 4.00
CA LEU B 71 9.15 20.96 3.20
C LEU B 71 9.16 19.65 3.96
N VAL B 72 8.72 18.58 3.27
CA VAL B 72 8.93 17.21 3.75
C VAL B 72 9.71 16.46 2.67
N ILE B 73 10.80 15.80 3.05
CA ILE B 73 11.55 14.92 2.13
C ILE B 73 11.10 13.47 2.35
N LEU B 74 10.87 12.76 1.25
CA LEU B 74 10.55 11.33 1.25
C LEU B 74 11.57 10.56 0.43
N GLY B 75 12.09 9.47 1.01
CA GLY B 75 13.12 8.67 0.34
C GLY B 75 12.66 7.29 -0.06
N PHE B 76 12.92 6.95 -1.32
CA PHE B 76 12.50 5.69 -1.89
C PHE B 76 13.69 4.88 -2.38
N PRO B 77 14.12 3.90 -1.59
CA PRO B 77 15.24 3.06 -2.00
C PRO B 77 14.90 2.30 -3.27
N CYS B 78 15.87 2.14 -4.13
CA CYS B 78 15.67 1.44 -5.41
C CYS B 78 17.01 0.83 -5.84
N ASN B 79 16.95 -0.43 -6.27
CA ASN B 79 18.10 -1.22 -6.69
C ASN B 79 18.29 -1.28 -8.22
N GLN B 80 17.66 -0.36 -8.96
CA GLN B 80 17.64 -0.49 -10.43
C GLN B 80 18.77 0.22 -11.15
N PHE B 81 19.65 0.87 -10.41
CA PHE B 81 20.69 1.74 -11.00
C PHE B 81 22.04 1.26 -10.51
N GLY B 82 22.67 0.45 -11.32
CA GLY B 82 23.93 -0.21 -10.94
C GLY B 82 23.79 -1.24 -9.84
N LYS B 83 22.56 -1.65 -9.53
CA LYS B 83 22.28 -2.48 -8.35
C LYS B 83 22.96 -1.94 -7.10
N GLN B 84 22.67 -0.69 -6.77
CA GLN B 84 23.38 -0.01 -5.71
C GLN B 84 22.57 0.05 -4.41
N GLU B 85 21.48 -0.71 -4.33
CA GLU B 85 20.72 -0.84 -3.08
C GLU B 85 20.37 -2.33 -2.87
N PRO B 86 21.40 -3.16 -2.61
CA PRO B 86 21.19 -4.61 -2.51
C PRO B 86 20.51 -5.05 -1.22
N GLY B 87 20.54 -4.21 -0.20
CA GLY B 87 20.07 -4.62 1.11
C GLY B 87 18.58 -4.92 1.16
N GLU B 88 18.22 -5.81 2.09
CA GLU B 88 16.85 -5.95 2.50
C GLU B 88 16.44 -4.66 3.17
N ASN B 89 15.13 -4.43 3.27
CA ASN B 89 14.64 -3.22 3.93
C ASN B 89 15.21 -3.03 5.34
N SER B 90 15.34 -4.11 6.10
CA SER B 90 15.91 -4.02 7.44
C SER B 90 17.41 -3.71 7.44
N GLU B 91 18.09 -3.80 6.30
CA GLU B 91 19.55 -3.60 6.23
C GLU B 91 19.94 -2.19 5.82
N ILE B 92 18.99 -1.42 5.32
CA ILE B 92 19.31 -0.12 4.72
C ILE B 92 19.73 0.90 5.79
N LEU B 93 18.94 1.04 6.85
CA LEU B 93 19.29 2.03 7.86
C LEU B 93 20.65 1.72 8.54
N PRO B 94 20.89 0.44 8.90
CA PRO B 94 22.24 0.05 9.37
C PRO B 94 23.38 0.35 8.41
N THR B 95 23.16 0.16 7.11
CA THR B 95 24.24 0.49 6.15
C THR B 95 24.53 1.99 6.15
N LEU B 96 23.47 2.80 6.19
CA LEU B 96 23.67 4.27 6.27
C LEU B 96 24.40 4.71 7.53
N LYS B 97 24.06 4.09 8.65
CA LYS B 97 24.65 4.45 9.93
C LYS B 97 26.10 3.99 10.10
N TYR B 98 26.43 2.80 9.58
CA TYR B 98 27.72 2.17 9.85
C TYR B 98 28.69 2.00 8.67
N VAL B 99 28.20 2.15 7.45
CA VAL B 99 29.02 1.86 6.28
C VAL B 99 29.18 3.10 5.41
N ARG B 100 28.08 3.57 4.83
CA ARG B 100 28.10 4.71 3.93
C ARG B 100 26.74 5.40 3.95
N PRO B 101 26.69 6.69 4.34
CA PRO B 101 27.76 7.59 4.81
C PRO B 101 28.54 7.10 6.01
N GLY B 102 27.91 6.34 6.90
CA GLY B 102 28.62 5.84 8.06
C GLY B 102 28.73 6.94 9.09
N GLY B 103 29.64 6.75 10.05
CA GLY B 103 29.86 7.70 11.13
C GLY B 103 28.64 7.98 12.01
N GLY B 104 27.70 7.04 12.10
CA GLY B 104 26.53 7.23 12.95
C GLY B 104 25.37 7.94 12.25
N PHE B 105 25.47 8.10 10.94
CA PHE B 105 24.45 8.79 10.20
C PHE B 105 23.06 8.15 10.25
N VAL B 106 22.08 9.00 10.53
CA VAL B 106 20.66 8.61 10.53
C VAL B 106 19.84 9.67 9.78
N PRO B 107 19.05 9.25 8.77
CA PRO B 107 18.17 10.19 8.08
C PRO B 107 17.15 10.82 9.00
N ASN B 108 16.97 12.13 8.84
CA ASN B 108 15.94 12.83 9.57
C ASN B 108 14.62 12.94 8.80
N PHE B 109 14.46 12.15 7.74
CA PHE B 109 13.26 12.15 6.90
C PHE B 109 12.87 10.71 6.67
N GLN B 110 11.62 10.49 6.27
CA GLN B 110 11.08 9.13 6.12
C GLN B 110 11.57 8.38 4.90
N LEU B 111 12.06 7.16 5.14
CA LEU B 111 12.36 6.20 4.10
C LEU B 111 11.23 5.20 4.02
N PHE B 112 10.96 4.82 2.77
CA PHE B 112 9.98 3.82 2.43
C PHE B 112 10.61 2.51 1.98
N GLU B 113 9.77 1.47 1.87
CA GLU B 113 10.23 0.17 1.43
C GLU B 113 10.88 0.28 0.07
N LYS B 114 11.93 -0.51 -0.14
CA LYS B 114 12.59 -0.59 -1.48
C LYS B 114 11.59 -1.02 -2.54
N GLY B 115 11.74 -0.49 -3.75
CA GLY B 115 10.88 -0.92 -4.85
C GLY B 115 11.36 -0.32 -6.14
N ASP B 116 10.65 -0.61 -7.21
CA ASP B 116 11.06 -0.12 -8.55
C ASP B 116 10.51 1.30 -8.80
N VAL B 117 11.26 2.09 -9.55
CA VAL B 117 10.82 3.41 -9.97
C VAL B 117 10.70 3.48 -11.48
N ASN B 118 11.29 2.49 -12.18
CA ASN B 118 11.16 2.34 -13.62
C ASN B 118 10.70 0.94 -14.01
N GLY B 119 10.23 0.81 -15.25
CA GLY B 119 9.92 -0.47 -15.81
C GLY B 119 8.53 -0.98 -15.43
N GLU B 120 8.28 -2.24 -15.79
CA GLU B 120 6.91 -2.77 -15.76
C GLU B 120 6.35 -2.86 -14.34
N LYS B 121 7.20 -2.98 -13.32
CA LYS B 121 6.70 -3.06 -11.93
C LYS B 121 6.93 -1.78 -11.13
N GLU B 122 7.09 -0.65 -11.80
CA GLU B 122 7.35 0.61 -11.11
C GLU B 122 6.19 0.96 -10.18
N GLN B 123 6.53 1.61 -9.07
CA GLN B 123 5.54 2.11 -8.12
C GLN B 123 4.67 3.14 -8.82
N LYS B 124 3.37 3.06 -8.61
CA LYS B 124 2.40 3.87 -9.37
C LYS B 124 2.53 5.37 -9.19
N PHE B 125 2.92 5.81 -8.00
CA PHE B 125 3.13 7.24 -7.83
C PHE B 125 4.32 7.75 -8.66
N TYR B 126 5.29 6.88 -8.97
CA TYR B 126 6.40 7.28 -9.85
C TYR B 126 5.98 7.33 -11.31
N THR B 127 5.05 6.47 -11.73
CA THR B 127 4.44 6.64 -13.03
C THR B 127 3.86 8.06 -13.16
N PHE B 128 3.17 8.50 -12.12
CA PHE B 128 2.58 9.85 -12.10
C PHE B 128 3.66 10.95 -12.12
N LEU B 129 4.61 10.87 -11.21
CA LEU B 129 5.66 11.87 -11.12
C LEU B 129 6.52 11.96 -12.39
N LYS B 130 6.96 10.82 -12.89
CA LYS B 130 7.85 10.83 -14.06
C LYS B 130 7.25 11.44 -15.28
N ASN B 131 5.93 11.26 -15.43
CA ASN B 131 5.23 11.73 -16.61
C ASN B 131 4.69 13.17 -16.47
N SER B 132 4.90 13.77 -15.30
CA SER B 132 4.44 15.14 -15.00
C SER B 132 5.40 16.22 -15.44
N CYS B 133 6.67 15.89 -15.57
CA CYS B 133 7.73 16.85 -15.91
C CYS B 133 8.62 16.23 -16.98
N PRO B 134 9.32 17.06 -17.77
CA PRO B 134 10.28 16.54 -18.75
C PRO B 134 11.37 15.74 -18.08
N PRO B 135 12.02 14.84 -18.82
CA PRO B 135 13.13 14.10 -18.21
C PRO B 135 14.34 15.01 -17.95
N THR B 136 15.27 14.54 -17.14
CA THR B 136 16.34 15.37 -16.66
C THR B 136 17.49 15.53 -17.65
N SER B 137 17.56 14.66 -18.65
CA SER B 137 18.67 14.68 -19.64
C SER B 137 18.29 13.96 -20.92
N GLU B 138 18.97 14.32 -22.00
CA GLU B 138 18.82 13.65 -23.28
C GLU B 138 19.33 12.22 -23.19
N LEU B 139 20.37 12.03 -22.39
CA LEU B 139 21.04 10.74 -22.26
C LEU B 139 20.32 9.85 -21.26
N LEU B 140 19.91 8.66 -21.69
CA LEU B 140 19.49 7.61 -20.74
C LEU B 140 20.68 6.89 -20.19
N GLY B 141 21.58 6.55 -21.07
CA GLY B 141 22.91 6.10 -20.72
C GLY B 141 23.14 4.71 -21.28
N THR B 142 24.09 3.97 -20.71
CA THR B 142 24.43 2.63 -21.19
C THR B 142 23.50 1.60 -20.52
N SER B 143 22.84 0.82 -21.36
CA SER B 143 21.72 -0.03 -20.92
C SER B 143 22.18 -1.07 -19.90
N ASP B 144 23.45 -1.51 -19.96
CA ASP B 144 23.95 -2.51 -19.00
C ASP B 144 23.88 -2.08 -17.53
N ARG B 145 23.82 -0.77 -17.28
CA ARG B 145 23.72 -0.24 -15.92
C ARG B 145 22.30 -0.01 -15.43
N LEU B 146 21.32 -0.24 -16.32
CA LEU B 146 19.93 0.14 -16.09
C LEU B 146 19.12 -1.13 -15.95
N PHE B 147 18.80 -1.50 -14.70
CA PHE B 147 18.20 -2.82 -14.46
C PHE B 147 16.66 -2.79 -14.44
N TRP B 148 16.11 -2.49 -15.61
CA TRP B 148 14.67 -2.51 -15.83
C TRP B 148 14.36 -2.61 -17.31
N GLU B 149 13.12 -2.97 -17.60
CA GLU B 149 12.56 -2.99 -18.96
C GLU B 149 11.06 -2.63 -18.86
N PRO B 150 10.51 -1.95 -19.87
CA PRO B 150 11.21 -1.41 -21.03
C PRO B 150 11.75 -0.01 -20.71
N MET B 151 12.51 0.55 -21.63
CA MET B 151 13.04 1.90 -21.46
C MET B 151 12.07 2.92 -22.07
N LYS B 152 11.94 4.03 -21.35
CA LYS B 152 11.06 5.13 -21.77
C LYS B 152 11.73 6.49 -21.62
N VAL B 153 11.28 7.43 -22.44
CA VAL B 153 11.83 8.78 -22.45
C VAL B 153 11.82 9.42 -21.08
N HIS B 154 10.73 9.24 -20.34
CA HIS B 154 10.57 9.91 -19.05
C HIS B 154 11.11 9.12 -17.85
N ASP B 155 11.77 8.01 -18.09
CA ASP B 155 12.34 7.22 -16.98
C ASP B 155 13.29 8.03 -16.12
N ILE B 156 13.34 7.68 -14.85
CA ILE B 156 14.35 8.21 -13.94
C ILE B 156 15.74 7.73 -14.43
N ARG B 157 16.71 8.62 -14.45
CA ARG B 157 18.02 8.34 -15.05
C ARG B 157 19.00 7.61 -14.12
N TRP B 158 18.90 7.89 -12.82
CA TRP B 158 19.87 7.32 -11.89
C TRP B 158 19.36 7.44 -10.46
N ASN B 159 20.13 6.90 -9.52
CA ASN B 159 19.92 7.21 -8.09
C ASN B 159 19.89 8.76 -7.82
N PHE B 160 19.09 9.17 -6.84
CA PHE B 160 19.03 10.54 -6.36
C PHE B 160 18.44 11.59 -7.31
N GLU B 161 17.60 11.15 -8.25
CA GLU B 161 16.75 12.09 -8.99
C GLU B 161 15.70 12.63 -8.04
N LYS B 162 15.18 13.83 -8.31
CA LYS B 162 14.36 14.54 -7.33
C LYS B 162 13.18 15.22 -7.98
N PHE B 163 12.04 15.15 -7.29
CA PHE B 163 10.79 15.77 -7.74
C PHE B 163 10.25 16.60 -6.59
N LEU B 164 9.89 17.85 -6.88
CA LEU B 164 9.15 18.70 -5.92
C LEU B 164 7.68 18.69 -6.26
N VAL B 165 6.86 18.41 -5.25
CA VAL B 165 5.42 18.50 -5.36
C VAL B 165 4.92 19.63 -4.44
N GLY B 166 3.94 20.41 -4.89
CA GLY B 166 3.43 21.52 -4.11
C GLY B 166 2.41 21.16 -3.04
N PRO B 167 1.98 22.16 -2.23
CA PRO B 167 1.00 21.92 -1.14
C PRO B 167 -0.40 21.55 -1.60
N ASP B 168 -0.65 21.67 -2.90
CA ASP B 168 -1.88 21.21 -3.54
C ASP B 168 -1.72 19.83 -4.16
N GLY B 169 -0.57 19.18 -3.96
CA GLY B 169 -0.35 17.81 -4.44
C GLY B 169 0.06 17.69 -5.89
N ILE B 170 0.29 18.83 -6.54
CA ILE B 170 0.58 18.88 -7.98
C ILE B 170 2.10 19.09 -8.16
N PRO B 171 2.73 18.25 -8.98
CA PRO B 171 4.16 18.36 -9.26
C PRO B 171 4.57 19.74 -9.78
N ILE B 172 5.74 20.19 -9.37
CA ILE B 172 6.27 21.51 -9.70
C ILE B 172 7.52 21.43 -10.58
N MET B 173 8.50 20.64 -10.16
CA MET B 173 9.74 20.52 -10.88
C MET B 173 10.54 19.26 -10.49
N ARG B 174 11.51 18.99 -11.33
CA ARG B 174 12.33 17.80 -11.32
C ARG B 174 13.80 18.19 -11.49
N TRP B 175 14.69 17.61 -10.68
CA TRP B 175 16.12 17.85 -10.87
C TRP B 175 16.90 16.63 -11.29
N HIS B 176 17.90 16.88 -12.14
CA HIS B 176 18.94 15.89 -12.43
C HIS B 176 19.63 15.45 -11.14
N HIS B 177 19.97 14.18 -11.08
CA HIS B 177 20.60 13.62 -9.92
C HIS B 177 21.90 14.30 -9.51
N ARG B 178 22.67 14.82 -10.47
CA ARG B 178 23.96 15.43 -10.14
C ARG B 178 23.88 16.90 -9.74
N THR B 179 22.72 17.53 -9.93
CA THR B 179 22.54 18.91 -9.44
C THR B 179 22.77 18.96 -7.94
N THR B 180 23.58 19.89 -7.46
CA THR B 180 23.96 19.88 -6.05
C THR B 180 22.74 20.15 -5.17
N VAL B 181 22.77 19.61 -3.96
CA VAL B 181 21.67 19.84 -3.04
C VAL B 181 21.55 21.32 -2.69
N SER B 182 22.66 22.05 -2.66
CA SER B 182 22.62 23.51 -2.47
C SER B 182 21.78 24.21 -3.52
N ASN B 183 21.95 23.79 -4.78
CA ASN B 183 21.19 24.37 -5.86
C ASN B 183 19.73 23.95 -5.84
N VAL B 184 19.45 22.70 -5.48
CA VAL B 184 18.05 22.27 -5.23
C VAL B 184 17.37 23.19 -4.20
N LYS B 185 18.06 23.44 -3.09
CA LYS B 185 17.53 24.33 -2.04
C LYS B 185 17.23 25.75 -2.55
N MET B 186 18.22 26.31 -3.22
CA MET B 186 18.10 27.61 -3.82
C MET B 186 16.85 27.68 -4.72
N ASP B 187 16.62 26.65 -5.53
CA ASP B 187 15.46 26.60 -6.44
C ASP B 187 14.13 26.48 -5.69
N ILE B 188 14.11 25.69 -4.62
CA ILE B 188 12.90 25.51 -3.81
C ILE B 188 12.54 26.86 -3.17
N LEU B 189 13.54 27.51 -2.57
CA LEU B 189 13.35 28.86 -1.99
C LEU B 189 12.90 29.90 -3.00
N SER B 190 13.50 29.89 -4.19
CA SER B 190 13.11 30.82 -5.25
C SER B 190 11.64 30.59 -5.64
N TYR B 191 11.24 29.34 -5.81
CA TYR B 191 9.85 29.02 -6.13
C TYR B 191 8.88 29.49 -5.07
N MET B 192 9.22 29.25 -3.81
CA MET B 192 8.39 29.62 -2.68
C MET B 192 8.20 31.13 -2.60
N ARG B 193 9.23 31.89 -2.97
CA ARG B 193 9.13 33.35 -3.00
C ARG B 193 8.29 33.83 -4.19
N ARG B 194 8.50 33.25 -5.36
CA ARG B 194 7.67 33.56 -6.52
C ARG B 194 6.18 33.38 -6.20
N GLN B 195 5.84 32.31 -5.49
CA GLN B 195 4.44 32.08 -5.13
C GLN B 195 3.97 33.13 -4.13
N ALA B 196 4.81 33.48 -3.17
CA ALA B 196 4.53 34.63 -2.28
C ALA B 196 4.28 35.93 -3.09
N ALA B 197 5.03 36.09 -4.19
CA ALA B 197 4.89 37.23 -5.12
C ALA B 197 3.56 37.26 -5.88
N LEU B 198 3.17 36.11 -6.43
CA LEU B 198 1.82 35.93 -7.01
C LEU B 198 0.72 36.18 -5.95
N GLY B 199 1.03 35.90 -4.69
CA GLY B 199 0.12 36.20 -3.56
C GLY B 199 -0.08 37.69 -3.23
N VAL B 200 0.87 38.53 -3.64
CA VAL B 200 0.73 40.00 -3.57
C VAL B 200 0.61 40.57 -4.98
CL CL C . -12.37 -21.60 -3.36
NA NA D . -21.23 -31.21 6.55
CL CL E . 24.49 7.50 -7.13
NA NA F . 19.63 -2.92 -18.76
#